data_1ELK
#
_entry.id   1ELK
#
_cell.length_a   42.07
_cell.length_b   52.86
_cell.length_c   73.22
_cell.angle_alpha   90.0
_cell.angle_beta   99.75
_cell.angle_gamma   90.0
#
_symmetry.space_group_name_H-M   'P 1 21 1'
#
loop_
_entity.id
_entity.type
_entity.pdbx_description
1 polymer 'TARGET OF MYB1'
2 water water
#
_entity_poly.entity_id   1
_entity_poly.type   'polypeptide(L)'
_entity_poly.pdbx_seq_one_letter_code
;GAMGSDFLLGNPFSSPVGQRIEKATDGSLQSEDWALNMEICDIINETEEGPKDALRAVKKRIVGNKNFHEVMLALTVLET
CVKNCGHRFHVLVASQDFVESVLVRTILPKNNPPTIVHDKVLNLIQSWADAFRSSPDLTGVVTIYEDLRRKGLEFPM
;
_entity_poly.pdbx_strand_id   A,B
#
# COMPACT_ATOMS: atom_id res chain seq x y z
N SER A 5 13.61 24.59 -3.88
CA SER A 5 13.16 23.51 -2.94
C SER A 5 11.70 23.22 -3.22
N ASP A 6 11.21 22.14 -2.63
CA ASP A 6 9.81 21.74 -2.71
C ASP A 6 8.98 22.35 -1.59
N PHE A 7 9.56 23.21 -0.78
CA PHE A 7 8.84 23.79 0.36
C PHE A 7 8.03 24.98 -0.12
N LEU A 8 6.93 24.64 -0.78
CA LEU A 8 6.00 25.62 -1.36
C LEU A 8 4.82 25.82 -0.44
N LEU A 9 4.41 27.08 -0.28
CA LEU A 9 3.31 27.43 0.61
C LEU A 9 2.03 28.00 -0.02
N GLY A 10 2.09 28.35 -1.30
CA GLY A 10 0.88 28.93 -1.92
C GLY A 10 -0.18 27.86 -2.17
N ASN A 11 -1.46 28.07 -1.80
CA ASN A 11 -2.49 27.06 -2.02
C ASN A 11 -2.66 26.78 -3.51
N PRO A 12 -2.49 25.50 -3.87
CA PRO A 12 -2.62 25.13 -5.31
C PRO A 12 -3.94 25.57 -5.96
N PHE A 13 -5.02 25.67 -5.18
CA PHE A 13 -6.31 26.04 -5.76
C PHE A 13 -6.53 27.55 -5.90
N SER A 14 -5.53 28.36 -5.53
CA SER A 14 -5.67 29.81 -5.62
C SER A 14 -5.15 30.49 -6.87
N SER A 15 -4.33 29.77 -7.64
CA SER A 15 -3.83 30.32 -8.89
C SER A 15 -4.98 30.43 -9.89
N PRO A 16 -4.76 31.13 -11.02
CA PRO A 16 -5.83 31.28 -11.99
C PRO A 16 -6.36 29.94 -12.47
N VAL A 17 -5.47 29.07 -12.93
CA VAL A 17 -5.98 27.79 -13.38
C VAL A 17 -6.40 26.88 -12.22
N GLY A 18 -5.75 27.06 -11.07
CA GLY A 18 -6.09 26.27 -9.88
C GLY A 18 -7.52 26.50 -9.43
N GLN A 19 -8.00 27.72 -9.60
CA GLN A 19 -9.38 28.04 -9.24
C GLN A 19 -10.36 27.27 -10.13
N ARG A 20 -10.05 27.17 -11.41
CA ARG A 20 -10.93 26.43 -12.32
C ARG A 20 -10.84 24.92 -12.11
N ILE A 21 -9.61 24.41 -11.82
CA ILE A 21 -9.46 22.97 -11.55
C ILE A 21 -10.22 22.60 -10.26
N GLU A 22 -10.16 23.48 -9.25
CA GLU A 22 -10.90 23.20 -8.03
C GLU A 22 -12.40 22.99 -8.33
N LYS A 23 -13.00 23.91 -9.10
CA LYS A 23 -14.41 23.81 -9.41
C LYS A 23 -14.71 22.62 -10.30
N ALA A 24 -13.78 22.32 -11.24
CA ALA A 24 -13.97 21.20 -12.15
C ALA A 24 -13.83 19.82 -11.54
N THR A 25 -13.36 19.74 -10.29
CA THR A 25 -13.13 18.44 -9.64
C THR A 25 -13.81 18.39 -8.28
N ASP A 26 -14.73 19.32 -8.04
CA ASP A 26 -15.42 19.31 -6.78
C ASP A 26 -16.41 18.16 -6.77
N GLY A 27 -16.44 17.40 -5.67
CA GLY A 27 -17.34 16.25 -5.55
C GLY A 27 -18.84 16.46 -5.68
N SER A 28 -19.29 17.70 -5.61
CA SER A 28 -20.71 17.98 -5.80
C SER A 28 -21.10 17.88 -7.27
N LEU A 29 -20.13 17.90 -8.19
CA LEU A 29 -20.47 17.78 -9.61
C LEU A 29 -21.07 16.42 -9.87
N GLN A 30 -22.06 16.38 -10.76
CA GLN A 30 -22.69 15.12 -11.13
C GLN A 30 -21.80 14.35 -12.17
N SER A 31 -21.22 15.14 -13.09
CA SER A 31 -20.37 14.61 -14.17
C SER A 31 -19.37 15.71 -14.55
N GLU A 32 -18.52 15.44 -15.53
CA GLU A 32 -17.51 16.39 -15.98
C GLU A 32 -18.12 17.67 -16.44
N ASP A 33 -17.46 18.78 -16.12
CA ASP A 33 -17.92 20.10 -16.57
C ASP A 33 -16.96 20.38 -17.74
N TRP A 34 -17.40 20.12 -18.98
CA TRP A 34 -16.54 20.30 -20.10
C TRP A 34 -16.15 21.74 -20.40
N ALA A 35 -17.02 22.71 -20.10
CA ALA A 35 -16.61 24.11 -20.30
C ALA A 35 -15.40 24.39 -19.43
N LEU A 36 -15.44 24.00 -18.18
CA LEU A 36 -14.30 24.27 -17.28
C LEU A 36 -13.10 23.46 -17.72
N ASN A 37 -13.30 22.18 -18.09
CA ASN A 37 -12.13 21.40 -18.51
C ASN A 37 -11.41 22.04 -19.72
N MET A 38 -12.18 22.61 -20.64
CA MET A 38 -11.53 23.20 -21.80
C MET A 38 -10.96 24.58 -21.47
N GLU A 39 -11.58 25.32 -20.56
CA GLU A 39 -11.05 26.59 -20.13
C GLU A 39 -9.66 26.34 -19.46
N ILE A 40 -9.56 25.25 -18.70
CA ILE A 40 -8.31 24.84 -18.05
C ILE A 40 -7.24 24.60 -19.12
N CYS A 41 -7.59 23.91 -20.22
CA CYS A 41 -6.65 23.70 -21.30
C CYS A 41 -6.21 25.03 -21.89
N ASP A 42 -7.14 25.98 -22.09
CA ASP A 42 -6.79 27.29 -22.63
C ASP A 42 -5.82 28.00 -21.75
N ILE A 43 -6.03 27.98 -20.42
CA ILE A 43 -5.11 28.69 -19.54
C ILE A 43 -3.70 28.06 -19.58
N ILE A 44 -3.62 26.74 -19.64
CA ILE A 44 -2.36 26.03 -19.75
C ILE A 44 -1.66 26.39 -21.07
N ASN A 45 -2.42 26.41 -22.15
CA ASN A 45 -1.83 26.74 -23.44
C ASN A 45 -1.40 28.19 -23.61
N GLU A 46 -2.13 29.08 -22.95
CA GLU A 46 -1.92 30.48 -23.24
C GLU A 46 -1.11 31.26 -22.22
N THR A 47 -0.87 30.71 -21.03
CA THR A 47 -0.19 31.48 -19.98
C THR A 47 1.07 30.77 -19.52
N GLU A 48 2.04 31.57 -19.08
CA GLU A 48 3.34 31.01 -18.68
C GLU A 48 3.26 30.06 -17.50
N GLU A 49 2.53 30.48 -16.46
CA GLU A 49 2.40 29.64 -15.27
C GLU A 49 1.34 28.57 -15.32
N GLY A 50 0.46 28.60 -16.32
CA GLY A 50 -0.62 27.62 -16.34
C GLY A 50 -0.18 26.18 -16.25
N PRO A 51 0.78 25.70 -17.05
CA PRO A 51 1.16 24.29 -16.93
C PRO A 51 1.56 23.85 -15.52
N LYS A 52 2.51 24.55 -14.90
CA LYS A 52 2.95 24.11 -13.55
C LYS A 52 1.84 24.35 -12.52
N ASP A 53 1.08 25.42 -12.70
CA ASP A 53 0.01 25.71 -11.76
C ASP A 53 -1.04 24.59 -11.86
N ALA A 54 -1.32 24.13 -13.08
CA ALA A 54 -2.33 23.12 -13.23
C ALA A 54 -1.92 21.82 -12.56
N LEU A 55 -0.64 21.44 -12.72
CA LEU A 55 -0.22 20.17 -12.11
C LEU A 55 -0.27 20.24 -10.58
N ARG A 56 0.04 21.39 -10.00
CA ARG A 56 -0.04 21.47 -8.52
C ARG A 56 -1.49 21.30 -8.05
N ALA A 57 -2.43 21.88 -8.79
CA ALA A 57 -3.86 21.79 -8.39
C ALA A 57 -4.40 20.39 -8.56
N VAL A 58 -4.02 19.74 -9.67
CA VAL A 58 -4.49 18.37 -9.90
C VAL A 58 -3.92 17.46 -8.83
N LYS A 59 -2.60 17.59 -8.54
CA LYS A 59 -1.99 16.79 -7.48
C LYS A 59 -2.70 17.07 -6.15
N LYS A 60 -2.99 18.32 -5.83
CA LYS A 60 -3.71 18.56 -4.56
C LYS A 60 -5.05 17.79 -4.46
N ARG A 61 -5.86 17.84 -5.52
CA ARG A 61 -7.12 17.13 -5.49
C ARG A 61 -6.96 15.62 -5.42
N ILE A 62 -5.98 15.02 -6.09
CA ILE A 62 -5.85 13.57 -6.14
C ILE A 62 -5.18 12.94 -4.91
N VAL A 63 -4.06 13.55 -4.51
CA VAL A 63 -3.25 12.89 -3.47
C VAL A 63 -3.92 12.79 -2.06
N GLY A 64 -4.06 11.55 -1.59
CA GLY A 64 -4.65 11.34 -0.27
C GLY A 64 -6.16 11.50 -0.26
N ASN A 65 -6.78 11.65 -1.44
CA ASN A 65 -8.22 11.81 -1.47
C ASN A 65 -8.97 10.51 -1.55
N LYS A 66 -9.86 10.26 -0.59
CA LYS A 66 -10.68 9.06 -0.57
C LYS A 66 -12.05 9.27 -1.21
N ASN A 67 -12.34 10.49 -1.68
CA ASN A 67 -13.52 10.74 -2.51
C ASN A 67 -13.07 10.39 -3.92
N PHE A 68 -13.38 9.18 -4.33
CA PHE A 68 -12.87 8.72 -5.61
C PHE A 68 -13.59 9.29 -6.79
N HIS A 69 -14.75 9.90 -6.59
CA HIS A 69 -15.43 10.62 -7.68
C HIS A 69 -14.59 11.88 -7.99
N GLU A 70 -14.11 12.60 -6.96
CA GLU A 70 -13.23 13.75 -7.18
C GLU A 70 -11.95 13.28 -7.86
N VAL A 71 -11.42 12.14 -7.41
CA VAL A 71 -10.17 11.61 -8.07
C VAL A 71 -10.42 11.39 -9.56
N MET A 72 -11.55 10.76 -9.91
CA MET A 72 -11.90 10.53 -11.32
C MET A 72 -12.03 11.82 -12.06
N LEU A 73 -12.76 12.81 -11.48
CA LEU A 73 -12.89 14.10 -12.18
C LEU A 73 -11.51 14.73 -12.46
N ALA A 74 -10.59 14.63 -11.49
CA ALA A 74 -9.25 15.17 -11.68
C ALA A 74 -8.43 14.39 -12.71
N LEU A 75 -8.56 13.06 -12.71
CA LEU A 75 -7.86 12.26 -13.74
C LEU A 75 -8.45 12.60 -15.11
N THR A 76 -9.75 12.91 -15.21
CA THR A 76 -10.31 13.29 -16.50
C THR A 76 -9.74 14.64 -16.93
N VAL A 77 -9.59 15.61 -15.99
CA VAL A 77 -8.96 16.89 -16.30
C VAL A 77 -7.58 16.59 -16.83
N LEU A 78 -6.79 15.74 -16.17
CA LEU A 78 -5.44 15.39 -16.66
C LEU A 78 -5.43 14.78 -18.06
N GLU A 79 -6.33 13.83 -18.27
CA GLU A 79 -6.47 13.16 -19.57
C GLU A 79 -6.75 14.21 -20.66
N THR A 80 -7.69 15.10 -20.38
CA THR A 80 -8.08 16.15 -21.29
C THR A 80 -6.92 17.08 -21.59
N CYS A 81 -6.21 17.52 -20.57
CA CYS A 81 -5.11 18.45 -20.80
C CYS A 81 -4.02 17.82 -21.62
N VAL A 82 -3.68 16.51 -21.42
CA VAL A 82 -2.64 15.95 -22.28
C VAL A 82 -3.11 15.91 -23.75
N LYS A 83 -4.38 15.58 -23.97
CA LYS A 83 -4.89 15.50 -25.35
C LYS A 83 -5.06 16.84 -26.02
N ASN A 84 -5.32 17.88 -25.24
CA ASN A 84 -5.62 19.20 -25.81
C ASN A 84 -4.60 20.31 -25.53
N CYS A 85 -3.46 19.96 -24.94
CA CYS A 85 -2.42 20.91 -24.69
C CYS A 85 -1.17 20.49 -25.41
N GLY A 86 -0.11 21.28 -25.27
CA GLY A 86 1.11 21.02 -26.05
C GLY A 86 2.30 20.52 -25.27
N HIS A 87 3.43 20.49 -25.95
CA HIS A 87 4.66 19.99 -25.40
C HIS A 87 5.05 20.65 -24.12
N ARG A 88 4.84 21.96 -23.97
CA ARG A 88 5.19 22.65 -22.69
C ARG A 88 4.53 21.94 -21.50
N PHE A 89 3.29 21.48 -21.68
CA PHE A 89 2.61 20.79 -20.62
C PHE A 89 3.05 19.35 -20.55
N HIS A 90 3.21 18.70 -21.70
CA HIS A 90 3.68 17.32 -21.70
C HIS A 90 5.00 17.12 -20.94
N VAL A 91 5.97 18.04 -21.10
CA VAL A 91 7.28 17.87 -20.42
C VAL A 91 7.12 17.82 -18.90
N LEU A 92 6.14 18.55 -18.35
CA LEU A 92 5.90 18.56 -16.92
C LEU A 92 5.09 17.33 -16.50
N VAL A 93 4.06 16.95 -17.27
CA VAL A 93 3.21 15.82 -16.83
C VAL A 93 3.85 14.46 -16.99
N ALA A 94 4.86 14.36 -17.89
CA ALA A 94 5.51 13.08 -18.12
C ALA A 94 6.66 12.78 -17.21
N SER A 95 6.96 13.74 -16.33
CA SER A 95 8.08 13.55 -15.46
C SER A 95 7.92 12.40 -14.49
N GLN A 96 9.05 11.81 -14.13
CA GLN A 96 9.05 10.72 -13.18
C GLN A 96 8.36 11.15 -11.91
N ASP A 97 8.63 12.33 -11.41
CA ASP A 97 8.03 12.66 -10.12
C ASP A 97 6.54 12.85 -10.17
N PHE A 98 6.04 13.48 -11.23
CA PHE A 98 4.61 13.70 -11.29
C PHE A 98 3.90 12.37 -11.45
N VAL A 99 4.37 11.57 -12.40
CA VAL A 99 3.69 10.28 -12.65
C VAL A 99 3.77 9.40 -11.40
N GLU A 100 4.92 9.33 -10.73
CA GLU A 100 5.01 8.47 -9.54
C GLU A 100 4.16 9.00 -8.40
N SER A 101 4.20 10.30 -8.19
CA SER A 101 3.51 10.81 -7.01
C SER A 101 2.02 10.96 -7.12
N VAL A 102 1.52 11.11 -8.34
CA VAL A 102 0.11 11.35 -8.57
C VAL A 102 -0.59 10.16 -9.19
N LEU A 103 0.07 9.45 -10.07
CA LEU A 103 -0.60 8.30 -10.70
C LEU A 103 -0.23 6.98 -10.06
N VAL A 104 1.07 6.69 -9.95
CA VAL A 104 1.42 5.39 -9.37
C VAL A 104 0.98 5.32 -7.93
N ARG A 105 1.26 6.35 -7.14
CA ARG A 105 0.86 6.23 -5.73
C ARG A 105 -0.63 6.11 -5.53
N THR A 106 -1.42 6.56 -6.51
CA THR A 106 -2.86 6.40 -6.40
C THR A 106 -3.32 4.96 -6.52
N ILE A 107 -2.57 4.14 -7.27
CA ILE A 107 -2.98 2.75 -7.42
C ILE A 107 -2.17 1.73 -6.62
N LEU A 108 -1.22 2.16 -5.80
CA LEU A 108 -0.47 1.19 -5.02
C LEU A 108 -1.41 0.55 -4.03
N PRO A 109 -1.11 -0.70 -3.61
CA PRO A 109 -1.97 -1.43 -2.68
C PRO A 109 -2.38 -0.65 -1.45
N LYS A 110 -1.44 0.14 -0.93
CA LYS A 110 -1.68 0.94 0.26
C LYS A 110 -2.89 1.83 0.07
N ASN A 111 -3.06 2.41 -1.13
CA ASN A 111 -4.17 3.34 -1.33
C ASN A 111 -5.51 2.67 -1.68
N ASN A 112 -5.42 1.46 -2.24
CA ASN A 112 -6.59 0.65 -2.53
C ASN A 112 -7.78 1.37 -3.18
N PRO A 113 -7.57 1.91 -4.36
CA PRO A 113 -8.71 2.59 -4.98
C PRO A 113 -9.65 1.61 -5.67
N PRO A 114 -10.85 2.09 -6.02
CA PRO A 114 -11.78 1.21 -6.74
C PRO A 114 -11.27 0.92 -8.17
N THR A 115 -11.83 -0.13 -8.77
CA THR A 115 -11.44 -0.52 -10.13
C THR A 115 -11.56 0.62 -11.16
N ILE A 116 -12.59 1.46 -11.09
CA ILE A 116 -12.71 2.51 -12.08
C ILE A 116 -11.47 3.44 -12.07
N VAL A 117 -10.92 3.70 -10.89
CA VAL A 117 -9.75 4.57 -10.79
C VAL A 117 -8.54 3.79 -11.21
N HIS A 118 -8.40 2.54 -10.77
CA HIS A 118 -7.24 1.74 -11.23
C HIS A 118 -7.17 1.74 -12.76
N ASP A 119 -8.29 1.45 -13.41
CA ASP A 119 -8.29 1.36 -14.86
C ASP A 119 -8.01 2.71 -15.51
N LYS A 120 -8.56 3.80 -14.96
CA LYS A 120 -8.31 5.11 -15.50
C LYS A 120 -6.78 5.44 -15.46
N VAL A 121 -6.14 5.16 -14.34
CA VAL A 121 -4.71 5.40 -14.19
C VAL A 121 -3.93 4.51 -15.15
N LEU A 122 -4.25 3.22 -15.24
CA LEU A 122 -3.53 2.36 -16.18
C LEU A 122 -3.62 2.88 -17.60
N ASN A 123 -4.81 3.33 -17.96
CA ASN A 123 -5.00 3.85 -19.30
C ASN A 123 -4.20 5.12 -19.55
N LEU A 124 -4.08 5.98 -18.53
CA LEU A 124 -3.26 7.17 -18.72
C LEU A 124 -1.82 6.80 -18.85
N ILE A 125 -1.30 5.95 -17.97
CA ILE A 125 0.13 5.60 -18.03
C ILE A 125 0.45 4.96 -19.38
N GLN A 126 -0.35 3.99 -19.81
CA GLN A 126 -0.07 3.34 -21.07
C GLN A 126 -0.27 4.24 -22.28
N SER A 127 -1.34 5.02 -22.33
CA SER A 127 -1.51 5.90 -23.48
C SER A 127 -0.45 6.96 -23.57
N TRP A 128 -0.06 7.55 -22.45
CA TRP A 128 0.99 8.54 -22.49
C TRP A 128 2.32 7.92 -22.88
N ALA A 129 2.61 6.74 -22.38
CA ALA A 129 3.89 6.11 -22.75
C ALA A 129 3.90 5.87 -24.24
N ASP A 130 2.79 5.40 -24.80
CA ASP A 130 2.78 5.14 -26.22
C ASP A 130 2.94 6.39 -27.05
N ALA A 131 2.29 7.47 -26.66
CA ALA A 131 2.36 8.74 -27.37
C ALA A 131 3.70 9.44 -27.18
N PHE A 132 4.30 9.28 -26.02
CA PHE A 132 5.54 9.99 -25.74
C PHE A 132 6.83 9.21 -25.98
N ARG A 133 6.77 7.92 -26.27
CA ARG A 133 7.99 7.11 -26.52
C ARG A 133 8.96 7.75 -27.51
N SER A 134 8.41 8.36 -28.54
CA SER A 134 9.28 8.98 -29.55
C SER A 134 9.94 10.29 -29.12
N SER A 135 9.65 10.85 -27.95
CA SER A 135 10.24 12.14 -27.55
C SER A 135 11.24 11.93 -26.42
N PRO A 136 12.54 12.22 -26.67
CA PRO A 136 13.57 12.04 -25.64
C PRO A 136 13.41 12.79 -24.33
N ASP A 137 12.63 13.87 -24.32
CA ASP A 137 12.39 14.61 -23.08
C ASP A 137 11.10 14.27 -22.35
N LEU A 138 10.45 13.17 -22.76
CA LEU A 138 9.17 12.74 -22.10
C LEU A 138 9.31 11.32 -21.61
N THR A 139 10.52 10.96 -21.20
CA THR A 139 10.75 9.56 -20.81
C THR A 139 10.26 9.09 -19.48
N GLY A 140 10.01 9.98 -18.55
CA GLY A 140 9.64 9.56 -17.19
C GLY A 140 8.46 8.57 -17.21
N VAL A 141 7.39 8.91 -17.91
CA VAL A 141 6.23 8.01 -17.94
C VAL A 141 6.47 6.73 -18.69
N VAL A 142 7.31 6.80 -19.74
CA VAL A 142 7.64 5.61 -20.49
C VAL A 142 8.42 4.63 -19.59
N THR A 143 9.42 5.12 -18.87
CA THR A 143 10.16 4.27 -17.94
C THR A 143 9.28 3.63 -16.86
N ILE A 144 8.35 4.38 -16.28
CA ILE A 144 7.46 3.82 -15.26
C ILE A 144 6.55 2.78 -15.92
N TYR A 145 5.99 3.06 -17.10
CA TYR A 145 5.15 2.07 -17.80
C TYR A 145 5.90 0.76 -18.02
N GLU A 146 7.12 0.81 -18.53
CA GLU A 146 7.84 -0.43 -18.79
C GLU A 146 8.23 -1.14 -17.48
N ASP A 147 8.55 -0.38 -16.47
CA ASP A 147 8.89 -1.01 -15.23
C ASP A 147 7.70 -1.70 -14.55
N LEU A 148 6.52 -1.07 -14.60
CA LEU A 148 5.33 -1.67 -14.03
C LEU A 148 5.02 -2.97 -14.75
N ARG A 149 5.10 -2.99 -16.09
CA ARG A 149 4.83 -4.23 -16.83
C ARG A 149 5.89 -5.26 -16.48
N ARG A 150 7.16 -4.84 -16.36
CA ARG A 150 8.19 -5.82 -15.98
C ARG A 150 7.94 -6.44 -14.60
N LYS A 151 7.37 -5.68 -13.67
CA LYS A 151 7.10 -6.15 -12.32
C LYS A 151 5.89 -7.09 -12.23
N GLY A 152 5.10 -7.16 -13.31
CA GLY A 152 3.95 -8.05 -13.33
C GLY A 152 2.63 -7.34 -13.46
N LEU A 153 2.58 -6.00 -13.54
CA LEU A 153 1.25 -5.35 -13.62
C LEU A 153 0.59 -5.50 -14.98
N GLU A 154 -0.69 -5.86 -14.98
CA GLU A 154 -1.44 -6.07 -16.22
C GLU A 154 -2.10 -4.81 -16.71
N PHE A 155 -1.99 -4.54 -18.00
CA PHE A 155 -2.60 -3.36 -18.58
C PHE A 155 -3.67 -3.81 -19.57
N PRO A 156 -4.59 -2.91 -19.95
CA PRO A 156 -5.67 -3.22 -20.89
C PRO A 156 -5.17 -2.95 -22.28
N MET A 157 -6.03 -3.08 -23.27
CA MET A 157 -5.51 -2.81 -24.59
C MET A 157 -4.14 -3.51 -24.76
N SER B 5 -13.04 -19.68 3.03
CA SER B 5 -12.84 -21.18 3.31
C SER B 5 -11.46 -21.57 3.73
N ASP B 6 -11.14 -22.86 3.64
CA ASP B 6 -9.81 -23.17 4.13
C ASP B 6 -9.08 -24.32 3.49
N PHE B 7 -9.67 -24.91 2.46
CA PHE B 7 -9.02 -26.06 1.82
C PHE B 7 -7.99 -25.52 0.77
N LEU B 8 -6.83 -25.06 1.29
CA LEU B 8 -5.76 -24.47 0.47
C LEU B 8 -4.59 -25.48 0.31
N LEU B 9 -4.11 -25.65 -0.92
CA LEU B 9 -3.03 -26.59 -1.18
C LEU B 9 -1.73 -25.96 -1.68
N GLY B 10 -1.69 -24.68 -1.94
CA GLY B 10 -0.37 -24.14 -2.40
C GLY B 10 0.78 -24.08 -1.32
N ASN B 11 2.05 -24.46 -1.62
CA ASN B 11 3.21 -24.42 -0.67
C ASN B 11 3.34 -22.96 -0.19
N PRO B 12 3.12 -22.72 1.13
CA PRO B 12 3.21 -21.35 1.67
C PRO B 12 4.54 -20.68 1.47
N PHE B 13 5.60 -21.48 1.35
CA PHE B 13 6.94 -20.89 1.16
C PHE B 13 7.34 -20.58 -0.30
N SER B 14 6.42 -20.83 -1.25
CA SER B 14 6.69 -20.57 -2.67
C SER B 14 6.35 -19.18 -3.16
N SER B 15 5.49 -18.46 -2.45
CA SER B 15 5.19 -17.11 -2.85
C SER B 15 6.41 -16.19 -2.70
N PRO B 16 6.37 -14.99 -3.30
CA PRO B 16 7.53 -14.12 -3.20
C PRO B 16 7.93 -13.85 -1.75
N VAL B 17 6.98 -13.47 -0.92
CA VAL B 17 7.34 -13.20 0.46
C VAL B 17 7.56 -14.49 1.24
N GLY B 18 6.84 -15.55 0.86
CA GLY B 18 7.08 -16.83 1.53
C GLY B 18 8.49 -17.36 1.36
N GLN B 19 9.11 -17.12 0.20
CA GLN B 19 10.48 -17.55 -0.02
C GLN B 19 11.41 -16.84 0.99
N ARG B 20 11.21 -15.55 1.23
CA ARG B 20 12.09 -14.83 2.16
C ARG B 20 11.80 -15.23 3.63
N ILE B 21 10.52 -15.45 3.98
CA ILE B 21 10.16 -15.87 5.30
C ILE B 21 10.78 -17.23 5.58
N GLU B 22 10.76 -18.14 4.58
CA GLU B 22 11.37 -19.45 4.79
C GLU B 22 12.85 -19.27 5.19
N LYS B 23 13.58 -18.51 4.38
CA LYS B 23 14.97 -18.27 4.67
C LYS B 23 15.20 -17.56 6.01
N ALA B 24 14.30 -16.60 6.38
CA ALA B 24 14.44 -15.83 7.59
C ALA B 24 14.13 -16.57 8.87
N THR B 25 13.57 -17.77 8.73
CA THR B 25 13.15 -18.54 9.87
C THR B 25 13.68 -19.97 9.92
N ASP B 26 14.68 -20.25 9.12
CA ASP B 26 15.31 -21.59 9.12
C ASP B 26 16.17 -21.75 10.36
N GLY B 27 16.20 -22.98 10.89
CA GLY B 27 16.91 -23.25 12.13
C GLY B 27 18.44 -23.10 12.07
N SER B 28 18.98 -23.00 10.87
CA SER B 28 20.40 -22.85 10.72
C SER B 28 20.84 -21.43 11.04
N LEU B 29 19.90 -20.46 11.16
CA LEU B 29 20.26 -19.08 11.53
C LEU B 29 20.79 -19.03 12.95
N GLN B 30 21.82 -18.22 13.14
CA GLN B 30 22.38 -18.04 14.46
C GLN B 30 21.65 -16.92 15.21
N SER B 31 20.97 -16.04 14.45
CA SER B 31 20.15 -14.98 15.04
C SER B 31 19.30 -14.39 13.88
N GLU B 32 18.48 -13.41 14.21
CA GLU B 32 17.62 -12.78 13.21
C GLU B 32 18.43 -12.22 12.03
N ASP B 33 17.85 -12.34 10.82
CA ASP B 33 18.49 -11.75 9.66
C ASP B 33 17.66 -10.50 9.41
N TRP B 34 18.18 -9.37 9.88
CA TRP B 34 17.44 -8.14 9.78
C TRP B 34 17.23 -7.63 8.37
N ALA B 35 18.16 -7.89 7.46
CA ALA B 35 17.96 -7.50 6.08
C ALA B 35 16.77 -8.28 5.50
N LEU B 36 16.70 -9.59 5.76
CA LEU B 36 15.50 -10.31 5.24
C LEU B 36 14.24 -9.85 5.94
N ASN B 37 14.28 -9.70 7.28
CA ASN B 37 13.04 -9.28 7.99
C ASN B 37 12.53 -7.96 7.41
N MET B 38 13.40 -7.00 7.06
CA MET B 38 12.88 -5.75 6.50
C MET B 38 12.46 -5.90 5.04
N GLU B 39 13.17 -6.72 4.28
CA GLU B 39 12.74 -7.01 2.93
C GLU B 39 11.30 -7.60 2.98
N ILE B 40 11.06 -8.52 3.92
CA ILE B 40 9.70 -9.10 4.11
C ILE B 40 8.69 -7.96 4.38
N CYS B 41 9.02 -6.97 5.21
CA CYS B 41 8.10 -5.86 5.48
C CYS B 41 7.88 -5.06 4.20
N ASP B 42 8.93 -4.87 3.39
CA ASP B 42 8.74 -4.13 2.12
C ASP B 42 7.80 -4.83 1.20
N ILE B 43 7.89 -6.16 1.10
CA ILE B 43 7.03 -6.92 0.18
C ILE B 43 5.58 -6.84 0.68
N ILE B 44 5.39 -6.92 1.99
CA ILE B 44 4.05 -6.76 2.59
C ILE B 44 3.45 -5.38 2.32
N ASN B 45 4.28 -4.35 2.45
CA ASN B 45 3.78 -3.01 2.25
C ASN B 45 3.53 -2.63 0.81
N GLU B 46 4.32 -3.23 -0.07
CA GLU B 46 4.28 -2.81 -1.47
C GLU B 46 3.47 -3.65 -2.43
N THR B 47 3.06 -4.82 -2.01
CA THR B 47 2.37 -5.70 -2.93
C THR B 47 1.04 -6.13 -2.43
N GLU B 48 0.14 -6.38 -3.35
CA GLU B 48 -1.21 -6.74 -2.93
C GLU B 48 -1.29 -8.08 -2.18
N GLU B 49 -0.55 -9.06 -2.72
CA GLU B 49 -0.49 -10.42 -2.20
C GLU B 49 0.32 -10.58 -0.88
N GLY B 50 1.24 -9.67 -0.66
CA GLY B 50 2.18 -9.77 0.46
C GLY B 50 1.59 -10.05 1.82
N PRO B 51 0.64 -9.29 2.30
CA PRO B 51 0.08 -9.55 3.64
C PRO B 51 -0.44 -10.96 3.85
N LYS B 52 -1.31 -11.40 2.98
CA LYS B 52 -1.92 -12.74 3.15
C LYS B 52 -0.87 -13.79 2.94
N ASP B 53 0.00 -13.62 1.94
CA ASP B 53 1.05 -14.61 1.68
C ASP B 53 1.99 -14.70 2.88
N ALA B 54 2.26 -13.58 3.54
CA ALA B 54 3.20 -13.61 4.66
C ALA B 54 2.62 -14.35 5.83
N LEU B 55 1.32 -14.15 6.11
CA LEU B 55 0.71 -14.87 7.24
C LEU B 55 0.68 -16.38 6.96
N ARG B 56 0.47 -16.77 5.70
CA ARG B 56 0.44 -18.19 5.39
C ARG B 56 1.83 -18.82 5.66
N ALA B 57 2.89 -18.11 5.29
CA ALA B 57 4.23 -18.65 5.52
C ALA B 57 4.65 -18.71 6.96
N VAL B 58 4.34 -17.66 7.71
CA VAL B 58 4.67 -17.66 9.15
C VAL B 58 3.86 -18.79 9.83
N LYS B 59 2.58 -18.93 9.49
CA LYS B 59 1.75 -20.02 10.09
C LYS B 59 2.37 -21.40 9.75
N LYS B 60 2.81 -21.58 8.51
CA LYS B 60 3.45 -22.83 8.15
C LYS B 60 4.68 -23.13 9.02
N ARG B 61 5.52 -22.12 9.24
CA ARG B 61 6.70 -22.35 10.03
C ARG B 61 6.39 -22.58 11.51
N ILE B 62 5.37 -21.93 12.06
CA ILE B 62 5.08 -22.06 13.47
C ILE B 62 4.24 -23.23 13.91
N VAL B 63 3.12 -23.47 13.22
CA VAL B 63 2.23 -24.53 13.68
C VAL B 63 2.82 -25.95 13.70
N GLY B 64 2.73 -26.58 14.89
CA GLY B 64 3.24 -27.92 15.06
C GLY B 64 4.73 -28.08 15.06
N ASN B 65 5.48 -26.97 15.06
CA ASN B 65 6.92 -27.05 15.02
C ASN B 65 7.54 -27.12 16.38
N LYS B 66 8.25 -28.21 16.67
CA LYS B 66 8.93 -28.35 17.94
C LYS B 66 10.35 -27.78 17.94
N ASN B 67 10.74 -27.19 16.81
CA ASN B 67 12.06 -26.49 16.77
C ASN B 67 11.72 -25.07 17.24
N PHE B 68 11.91 -24.84 18.52
CA PHE B 68 11.55 -23.57 19.09
C PHE B 68 12.41 -22.41 18.73
N HIS B 69 13.59 -22.69 18.20
CA HIS B 69 14.40 -21.61 17.66
C HIS B 69 13.72 -21.10 16.36
N GLU B 70 13.27 -21.99 15.44
CA GLU B 70 12.53 -21.57 14.24
C GLU B 70 11.26 -20.83 14.70
N VAL B 71 10.58 -21.29 15.75
CA VAL B 71 9.35 -20.61 16.23
C VAL B 71 9.69 -19.21 16.64
N MET B 72 10.75 -19.03 17.42
CA MET B 72 11.14 -17.68 17.79
C MET B 72 11.48 -16.81 16.61
N LEU B 73 12.25 -17.33 15.65
CA LEU B 73 12.59 -16.44 14.49
C LEU B 73 11.30 -16.01 13.78
N ALA B 74 10.29 -16.89 13.69
CA ALA B 74 9.07 -16.55 12.98
C ALA B 74 8.24 -15.55 13.84
N LEU B 75 8.24 -15.72 15.16
CA LEU B 75 7.56 -14.77 16.04
C LEU B 75 8.23 -13.40 15.89
N THR B 76 9.55 -13.34 15.76
CA THR B 76 10.22 -12.05 15.52
C THR B 76 9.84 -11.48 14.16
N VAL B 77 9.71 -12.31 13.11
CA VAL B 77 9.23 -11.79 11.83
C VAL B 77 7.84 -11.16 12.04
N LEU B 78 6.91 -11.79 12.76
CA LEU B 78 5.61 -11.19 13.02
C LEU B 78 5.73 -9.90 13.78
N GLU B 79 6.54 -9.90 14.84
CA GLU B 79 6.74 -8.68 15.68
C GLU B 79 7.18 -7.50 14.79
N THR B 80 8.17 -7.77 13.95
CA THR B 80 8.76 -6.79 13.04
C THR B 80 7.74 -6.31 12.06
N CYS B 81 6.98 -7.24 11.47
CA CYS B 81 5.96 -6.83 10.48
C CYS B 81 4.88 -5.95 11.09
N VAL B 82 4.43 -6.24 12.32
CA VAL B 82 3.42 -5.33 12.90
C VAL B 82 4.00 -3.90 13.09
N LYS B 83 5.23 -3.83 13.57
CA LYS B 83 5.85 -2.52 13.85
C LYS B 83 6.21 -1.79 12.61
N ASN B 84 6.48 -2.49 11.50
CA ASN B 84 7.00 -1.80 10.32
C ASN B 84 6.09 -1.87 9.08
N CYS B 85 4.88 -2.38 9.29
CA CYS B 85 3.87 -2.43 8.21
C CYS B 85 2.63 -1.70 8.64
N GLY B 86 1.66 -1.66 7.74
CA GLY B 86 0.44 -0.86 7.96
C GLY B 86 -0.82 -1.62 8.20
N HIS B 87 -1.94 -0.89 8.19
CA HIS B 87 -3.22 -1.49 8.45
C HIS B 87 -3.58 -2.71 7.63
N ARG B 88 -3.22 -2.69 6.35
CA ARG B 88 -3.49 -3.89 5.50
C ARG B 88 -2.94 -5.18 6.13
N PHE B 89 -1.82 -5.06 6.80
CA PHE B 89 -1.26 -6.22 7.43
C PHE B 89 -1.91 -6.43 8.81
N HIS B 90 -2.10 -5.34 9.58
CA HIS B 90 -2.68 -5.47 10.89
C HIS B 90 -4.06 -6.16 10.86
N VAL B 91 -4.90 -5.84 9.86
CA VAL B 91 -6.25 -6.40 9.81
C VAL B 91 -6.21 -7.92 9.69
N LEU B 92 -5.20 -8.43 9.01
CA LEU B 92 -5.08 -9.89 8.88
C LEU B 92 -4.39 -10.54 10.10
N VAL B 93 -3.37 -9.91 10.66
CA VAL B 93 -2.70 -10.52 11.80
C VAL B 93 -3.49 -10.44 13.12
N ALA B 94 -4.43 -9.48 13.22
CA ALA B 94 -5.21 -9.32 14.47
C ALA B 94 -6.44 -10.18 14.48
N SER B 95 -6.69 -10.94 13.42
CA SER B 95 -7.90 -11.75 13.39
C SER B 95 -7.92 -12.80 14.47
N GLN B 96 -9.11 -13.11 14.90
CA GLN B 96 -9.28 -14.15 15.90
C GLN B 96 -8.66 -15.46 15.42
N ASP B 97 -8.90 -15.83 14.17
CA ASP B 97 -8.41 -17.11 13.71
C ASP B 97 -6.90 -17.21 13.67
N PHE B 98 -6.25 -16.15 13.20
CA PHE B 98 -4.79 -16.22 13.11
C PHE B 98 -4.17 -16.23 14.48
N VAL B 99 -4.61 -15.31 15.35
CA VAL B 99 -4.06 -15.26 16.72
C VAL B 99 -4.30 -16.57 17.46
N GLU B 100 -5.49 -17.12 17.40
CA GLU B 100 -5.78 -18.36 18.10
C GLU B 100 -4.99 -19.53 17.54
N SER B 101 -4.93 -19.62 16.21
CA SER B 101 -4.27 -20.81 15.65
C SER B 101 -2.76 -20.86 15.67
N VAL B 102 -2.17 -19.68 15.59
CA VAL B 102 -0.74 -19.52 15.56
C VAL B 102 -0.11 -19.10 16.84
N LEU B 103 -0.73 -18.18 17.56
CA LEU B 103 -0.11 -17.69 18.82
C LEU B 103 -0.69 -18.42 20.04
N VAL B 104 -2.00 -18.43 20.26
CA VAL B 104 -2.49 -19.11 21.46
C VAL B 104 -2.19 -20.60 21.47
N ARG B 105 -2.40 -21.29 20.35
CA ARG B 105 -2.17 -22.73 20.35
C ARG B 105 -0.73 -23.11 20.60
N THR B 106 0.19 -22.19 20.34
CA THR B 106 1.58 -22.45 20.56
C THR B 106 1.90 -22.43 22.07
N ILE B 107 1.12 -21.73 22.91
CA ILE B 107 1.44 -21.66 24.31
C ILE B 107 0.51 -22.45 25.21
N LEU B 108 -0.44 -23.16 24.65
CA LEU B 108 -1.36 -23.94 25.50
C LEU B 108 -0.56 -25.03 26.17
N PRO B 109 -1.02 -25.52 27.32
CA PRO B 109 -0.28 -26.56 28.04
C PRO B 109 0.11 -27.74 27.23
N LYS B 110 -0.78 -28.20 26.36
CA LYS B 110 -0.47 -29.35 25.54
C LYS B 110 0.81 -29.19 24.76
N ASN B 111 1.07 -27.97 24.27
CA ASN B 111 2.25 -27.74 23.44
C ASN B 111 3.53 -27.54 24.27
N ASN B 112 3.35 -27.08 25.50
CA ASN B 112 4.45 -26.94 26.45
C ASN B 112 5.75 -26.35 25.86
N PRO B 113 5.69 -25.13 25.36
CA PRO B 113 6.92 -24.57 24.80
C PRO B 113 7.80 -24.01 25.92
N PRO B 114 9.03 -23.70 25.58
CA PRO B 114 9.91 -23.12 26.59
C PRO B 114 9.45 -21.70 26.93
N THR B 115 9.93 -21.22 28.08
CA THR B 115 9.62 -19.90 28.56
C THR B 115 9.90 -18.79 27.56
N ILE B 116 11.02 -18.85 26.82
CA ILE B 116 11.30 -17.78 25.91
C ILE B 116 10.16 -17.60 24.88
N VAL B 117 9.58 -18.71 24.44
CA VAL B 117 8.47 -18.63 23.47
C VAL B 117 7.19 -18.17 24.16
N HIS B 118 6.89 -18.75 25.31
CA HIS B 118 5.74 -18.25 26.09
C HIS B 118 5.78 -16.73 26.26
N ASP B 119 6.93 -16.24 26.71
CA ASP B 119 7.05 -14.79 26.94
C ASP B 119 6.91 -13.98 25.65
N LYS B 120 7.50 -14.45 24.57
CA LYS B 120 7.38 -13.74 23.31
C LYS B 120 5.94 -13.64 22.83
N VAL B 121 5.21 -14.73 22.91
CA VAL B 121 3.82 -14.75 22.48
C VAL B 121 3.00 -13.83 23.37
N LEU B 122 3.21 -13.87 24.69
CA LEU B 122 2.46 -12.97 25.57
C LEU B 122 2.74 -11.53 25.29
N ASN B 123 4.00 -11.21 24.95
CA ASN B 123 4.30 -9.83 24.62
C ASN B 123 3.65 -9.42 23.32
N LEU B 124 3.58 -10.29 22.33
CA LEU B 124 2.89 -9.94 21.06
C LEU B 124 1.43 -9.72 21.32
N ILE B 125 0.77 -10.62 22.03
CA ILE B 125 -0.66 -10.48 22.26
C ILE B 125 -0.95 -9.20 23.03
N GLN B 126 -0.22 -8.92 24.11
CA GLN B 126 -0.50 -7.70 24.87
C GLN B 126 -0.13 -6.43 24.12
N SER B 127 1.02 -6.42 23.45
CA SER B 127 1.37 -5.20 22.73
C SER B 127 0.44 -4.91 21.56
N TRP B 128 0.03 -5.95 20.84
CA TRP B 128 -0.91 -5.72 19.77
C TRP B 128 -2.27 -5.28 20.28
N ALA B 129 -2.74 -5.91 21.35
CA ALA B 129 -4.04 -5.54 21.91
C ALA B 129 -4.00 -4.08 22.32
N ASP B 130 -2.90 -3.63 22.90
CA ASP B 130 -2.85 -2.26 23.34
C ASP B 130 -2.83 -1.29 22.18
N ALA B 131 -2.09 -1.62 21.14
CA ALA B 131 -1.94 -0.78 19.97
C ALA B 131 -3.15 -0.73 19.07
N PHE B 132 -3.92 -1.82 19.06
CA PHE B 132 -5.09 -1.96 18.20
C PHE B 132 -6.43 -1.64 18.86
N ARG B 133 -6.39 -1.33 20.15
CA ARG B 133 -7.57 -0.99 20.97
C ARG B 133 -8.54 -0.05 20.27
N SER B 134 -7.98 0.95 19.61
CA SER B 134 -8.78 1.97 18.95
C SER B 134 -9.35 1.65 17.58
N SER B 135 -9.00 0.50 17.02
CA SER B 135 -9.46 0.12 15.68
C SER B 135 -10.56 -0.89 15.75
N PRO B 136 -11.75 -0.52 15.28
CA PRO B 136 -12.88 -1.45 15.33
C PRO B 136 -12.77 -2.70 14.50
N ASP B 137 -11.82 -2.73 13.58
CA ASP B 137 -11.65 -3.89 12.73
C ASP B 137 -10.42 -4.72 13.09
N LEU B 138 -9.83 -4.46 14.25
CA LEU B 138 -8.63 -5.20 14.72
C LEU B 138 -8.96 -5.84 16.09
N THR B 139 -10.24 -6.14 16.34
CA THR B 139 -10.66 -6.62 17.67
C THR B 139 -10.28 -8.05 18.03
N GLY B 140 -9.94 -8.88 17.07
CA GLY B 140 -9.67 -10.27 17.41
C GLY B 140 -8.62 -10.45 18.49
N VAL B 141 -7.47 -9.80 18.33
CA VAL B 141 -6.43 -9.98 19.33
C VAL B 141 -6.77 -9.32 20.65
N VAL B 142 -7.57 -8.24 20.59
CA VAL B 142 -7.95 -7.53 21.82
C VAL B 142 -8.88 -8.41 22.66
N THR B 143 -9.81 -9.08 22.01
CA THR B 143 -10.71 -10.01 22.67
C THR B 143 -9.94 -11.17 23.30
N ILE B 144 -9.01 -11.74 22.56
CA ILE B 144 -8.20 -12.85 23.06
C ILE B 144 -7.35 -12.37 24.25
N TYR B 145 -6.69 -11.20 24.16
CA TYR B 145 -5.94 -10.69 25.30
C TYR B 145 -6.85 -10.55 26.52
N GLU B 146 -8.02 -9.96 26.37
CA GLU B 146 -8.91 -9.77 27.52
C GLU B 146 -9.39 -11.07 28.10
N ASP B 147 -9.68 -12.02 27.23
CA ASP B 147 -10.10 -13.33 27.71
C ASP B 147 -8.98 -14.05 28.45
N LEU B 148 -7.74 -13.97 27.96
CA LEU B 148 -6.66 -14.65 28.65
C LEU B 148 -6.42 -14.04 30.00
N ARG B 149 -6.37 -12.71 30.06
CA ARG B 149 -6.15 -11.98 31.32
C ARG B 149 -7.26 -12.32 32.29
N ARG B 150 -8.50 -12.34 31.82
CA ARG B 150 -9.62 -12.58 32.74
C ARG B 150 -9.59 -13.93 33.41
N LYS B 151 -9.25 -14.99 32.67
CA LYS B 151 -9.23 -16.32 33.23
C LYS B 151 -8.00 -16.68 34.01
N GLY B 152 -7.11 -15.74 34.20
CA GLY B 152 -5.95 -16.01 35.01
C GLY B 152 -4.53 -15.92 34.45
N LEU B 153 -4.37 -15.62 33.17
CA LEU B 153 -3.00 -15.63 32.63
C LEU B 153 -2.19 -14.38 32.96
N GLU B 154 -0.98 -14.56 33.48
CA GLU B 154 -0.16 -13.43 33.86
C GLU B 154 0.66 -12.89 32.67
N PHE B 155 0.73 -11.57 32.51
CA PHE B 155 1.48 -10.98 31.41
C PHE B 155 2.69 -10.23 31.93
N PRO B 156 3.61 -9.88 31.03
CA PRO B 156 4.79 -9.16 31.52
C PRO B 156 4.59 -7.64 31.71
N MET B 157 5.73 -7.01 32.04
CA MET B 157 5.91 -5.56 32.30
C MET B 157 6.67 -4.68 31.27
#